data_9K8X
#
_entry.id   9K8X
#
_cell.length_a   118.293
_cell.length_b   118.293
_cell.length_c   98.703
_cell.angle_alpha   90.00
_cell.angle_beta   90.00
_cell.angle_gamma   90.00
#
_symmetry.space_group_name_H-M   'P 41 21 2'
#
loop_
_entity.id
_entity.type
_entity.pdbx_description
1 polymer 'Calcium indicator GCaMP6s-BrUS-145,Calmodulin-1'
2 non-polymer 1,2-ETHANEDIOL
3 non-polymer 'CALCIUM ION'
4 non-polymer 'SODIUM ION'
5 water water
#
_entity_poly.entity_id   1
_entity_poly.type   'polypeptide(L)'
_entity_poly.pdbx_seq_one_letter_code
;MRGSHHHHHHGSMGSHHHHHHGMASMTGGQQMGRDLYDDDDKDLATMVDSSRRKWNKTGHAVRAIGRLSSLENVYIKADK
QKNGIKANYHIRHNIEDGGVQLAYHYQQNTPIGDGPVLLPDNHYLSVQSKLSKDPNEKRDHMVLLEFVTAAGITLGMDEL
YKGGTGGSMVSKGEELFTGVVPILVELDGDVNGHKFSVSGEGEGDATYGKLTLKFICTTGKLPVPWPTLVTTL(CR2)VQ
CFSRYPDHMKQHDFFKSAMPEGYIQERTIFFKDDGNYKTRAEVKFEGDTLVNRIELKGIDFKEDGNILGHKLEYNLPDQL
TEEQIAEFKEAFSLFDKDGDGTITTKELGTVMRSLGQNPTEAELQDMINEVDADGDGTIDFPEFLTMMARKMKYRDTEEE
IREAFGVFDKDGNGYISAAELRHVMTNLGEKLTDEEVDEMIREADIDGDGQVNYEEFVQMMTAK
;
_entity_poly.pdbx_strand_id   A
#
loop_
_chem_comp.id
_chem_comp.type
_chem_comp.name
_chem_comp.formula
CA non-polymer 'CALCIUM ION' 'Ca 2'
EDO non-polymer 1,2-ETHANEDIOL 'C2 H6 O2'
NA non-polymer 'SODIUM ION' 'Na 1'
#
# COMPACT_ATOMS: atom_id res chain seq x y z
N MET A 47 -32.53 -14.27 -7.70
CA MET A 47 -33.22 -12.94 -7.82
C MET A 47 -32.34 -11.89 -7.14
N VAL A 48 -32.45 -11.77 -5.79
CA VAL A 48 -31.65 -10.95 -4.87
C VAL A 48 -30.18 -11.33 -5.08
N ASP A 49 -29.93 -12.65 -5.11
CA ASP A 49 -28.65 -13.33 -5.26
C ASP A 49 -27.91 -12.75 -6.46
N SER A 50 -28.52 -12.87 -7.66
CA SER A 50 -28.04 -12.41 -8.96
C SER A 50 -27.65 -10.92 -8.97
N SER A 51 -28.53 -10.08 -8.37
CA SER A 51 -28.36 -8.64 -8.21
C SER A 51 -27.13 -8.32 -7.39
N ARG A 52 -27.04 -8.91 -6.16
CA ARG A 52 -25.95 -8.77 -5.20
C ARG A 52 -24.63 -9.14 -5.90
N ARG A 53 -24.64 -10.24 -6.68
CA ARG A 53 -23.52 -10.80 -7.42
C ARG A 53 -23.07 -9.93 -8.58
N LYS A 54 -24.02 -9.48 -9.43
CA LYS A 54 -23.79 -8.60 -10.58
C LYS A 54 -23.19 -7.26 -10.11
N TRP A 55 -23.61 -6.80 -8.93
CA TRP A 55 -23.09 -5.62 -8.28
C TRP A 55 -21.61 -5.76 -7.84
N ASN A 56 -21.29 -6.78 -7.02
CA ASN A 56 -19.93 -7.04 -6.51
C ASN A 56 -18.91 -6.97 -7.64
N LYS A 57 -19.23 -7.64 -8.76
CA LYS A 57 -18.45 -7.70 -9.98
C LYS A 57 -18.16 -6.29 -10.50
N THR A 58 -19.21 -5.45 -10.61
CA THR A 58 -19.04 -4.08 -11.10
C THR A 58 -18.21 -3.22 -10.13
N GLY A 59 -18.54 -3.30 -8.83
CA GLY A 59 -17.95 -2.46 -7.78
C GLY A 59 -16.46 -2.81 -7.72
N HIS A 60 -16.17 -4.10 -7.75
CA HIS A 60 -14.81 -4.64 -7.77
C HIS A 60 -14.07 -4.20 -9.01
N ALA A 61 -14.74 -4.20 -10.16
CA ALA A 61 -14.02 -3.76 -11.36
C ALA A 61 -13.62 -2.29 -11.28
N VAL A 62 -14.52 -1.50 -10.68
CA VAL A 62 -14.33 -0.08 -10.56
C VAL A 62 -13.19 0.17 -9.57
N ARG A 63 -13.30 -0.53 -8.45
CA ARG A 63 -12.27 -0.49 -7.45
C ARG A 63 -10.90 -0.91 -8.00
N ALA A 64 -10.84 -1.88 -8.95
CA ALA A 64 -9.56 -2.36 -9.51
C ALA A 64 -8.95 -1.21 -10.33
N ILE A 65 -9.80 -0.48 -11.09
CA ILE A 65 -9.37 0.65 -11.88
C ILE A 65 -8.88 1.76 -10.96
N GLY A 66 -9.55 1.94 -9.81
CA GLY A 66 -9.06 2.90 -8.83
C GLY A 66 -7.65 2.51 -8.35
N ARG A 67 -7.46 1.23 -7.93
CA ARG A 67 -6.14 0.79 -7.50
C ARG A 67 -5.10 0.99 -8.61
N LEU A 68 -5.46 0.63 -9.85
CA LEU A 68 -4.49 0.69 -10.96
C LEU A 68 -4.11 2.14 -11.32
N SER A 69 -4.97 3.08 -10.92
CA SER A 69 -4.76 4.51 -11.17
C SER A 69 -4.09 5.17 -9.98
N SER A 70 -3.76 4.39 -8.94
CA SER A 70 -3.13 4.94 -7.73
C SER A 70 -1.66 4.53 -7.67
N LEU A 71 -0.90 5.19 -6.77
CA LEU A 71 0.53 4.96 -6.62
C LEU A 71 0.75 4.51 -5.18
N GLU A 72 0.68 3.21 -4.92
CA GLU A 72 0.74 2.71 -3.56
C GLU A 72 2.13 2.15 -3.21
N ASN A 73 3.07 2.07 -4.16
CA ASN A 73 4.35 1.42 -3.84
C ASN A 73 5.31 2.45 -3.19
N VAL A 74 6.61 2.07 -2.97
CA VAL A 74 7.65 2.99 -2.55
C VAL A 74 8.45 3.40 -3.80
N TYR A 75 8.39 4.68 -4.24
CA TYR A 75 9.01 5.07 -5.53
C TYR A 75 10.40 5.62 -5.23
N ILE A 76 11.44 4.98 -5.81
CA ILE A 76 12.83 5.34 -5.63
C ILE A 76 13.36 6.01 -6.90
N LYS A 77 14.14 7.08 -6.69
CA LYS A 77 14.82 7.78 -7.78
C LYS A 77 16.22 8.03 -7.33
N ALA A 78 17.15 8.14 -8.31
CA ALA A 78 18.53 8.56 -8.06
C ALA A 78 18.54 10.03 -7.67
N ASP A 79 19.51 10.38 -6.82
CA ASP A 79 19.70 11.77 -6.43
C ASP A 79 21.19 12.01 -6.58
N LYS A 80 21.57 12.30 -7.82
CA LYS A 80 22.98 12.44 -8.13
C LYS A 80 23.68 13.49 -7.26
N GLN A 81 23.01 14.62 -7.02
CA GLN A 81 23.63 15.71 -6.27
C GLN A 81 24.05 15.25 -4.86
N LYS A 82 23.36 14.26 -4.29
CA LYS A 82 23.75 13.82 -2.94
C LYS A 82 24.44 12.47 -2.98
N ASN A 83 24.73 11.99 -4.20
CA ASN A 83 25.28 10.66 -4.41
C ASN A 83 24.38 9.61 -3.72
N GLY A 84 23.04 9.79 -3.78
CA GLY A 84 22.16 8.85 -3.17
C GLY A 84 20.84 8.70 -3.89
N ILE A 85 19.79 8.53 -3.09
CA ILE A 85 18.48 8.27 -3.62
C ILE A 85 17.50 9.12 -2.84
N LYS A 86 16.31 9.23 -3.42
CA LYS A 86 15.14 9.86 -2.82
C LYS A 86 14.02 8.84 -2.98
N ALA A 87 13.02 8.90 -2.07
CA ALA A 87 11.86 8.04 -2.18
C ALA A 87 10.62 8.80 -1.79
N ASN A 88 9.49 8.40 -2.41
CA ASN A 88 8.25 9.04 -2.06
C ASN A 88 7.13 8.03 -2.13
N TYR A 89 6.21 8.09 -1.14
CA TYR A 89 5.10 7.18 -1.04
C TYR A 89 4.16 7.62 0.07
N HIS A 90 3.03 6.92 0.18
CA HIS A 90 2.10 7.20 1.29
C HIS A 90 1.76 5.90 1.98
N ILE A 91 1.45 5.96 3.30
CA ILE A 91 0.95 4.83 4.04
C ILE A 91 -0.49 5.13 4.46
N ARG A 92 -1.32 4.06 4.42
CA ARG A 92 -2.69 4.13 4.88
C ARG A 92 -2.70 3.45 6.27
N HIS A 93 -3.21 4.17 7.28
CA HIS A 93 -3.44 3.67 8.64
C HIS A 93 -4.95 3.62 8.85
N ASN A 94 -5.49 2.40 8.90
CA ASN A 94 -6.90 2.28 9.20
C ASN A 94 -7.19 2.91 10.56
N ILE A 95 -8.30 3.65 10.65
CA ILE A 95 -8.75 4.31 11.87
C ILE A 95 -9.81 3.38 12.50
N GLU A 96 -9.70 3.11 13.83
CA GLU A 96 -10.44 2.06 14.54
CA GLU A 96 -10.73 2.35 14.56
C GLU A 96 -11.95 2.16 14.33
C GLU A 96 -12.12 3.02 14.42
N ASP A 97 -12.47 3.39 14.45
N ASP A 97 -13.10 2.22 13.93
CA ASP A 97 -13.90 3.66 14.34
CA ASP A 97 -14.51 2.57 13.70
C ASP A 97 -14.33 3.93 12.90
C ASP A 97 -14.56 3.78 12.75
N GLY A 98 -13.40 4.35 12.02
N GLY A 98 -13.82 3.72 11.63
CA GLY A 98 -13.82 4.85 10.72
C GLY A 98 -12.99 4.57 9.47
N GLY A 99 -12.55 5.66 8.87
CA GLY A 99 -11.94 5.62 7.56
C GLY A 99 -10.46 5.30 7.65
N VAL A 100 -9.68 6.16 7.01
CA VAL A 100 -8.26 5.90 6.92
C VAL A 100 -7.46 7.19 7.19
N GLN A 101 -6.30 7.02 7.83
CA GLN A 101 -5.35 8.10 8.06
C GLN A 101 -4.19 7.93 7.06
N LEU A 102 -3.90 8.99 6.29
CA LEU A 102 -2.77 9.03 5.36
C LEU A 102 -1.51 9.60 5.98
N ALA A 103 -0.39 8.99 5.63
CA ALA A 103 0.92 9.50 6.09
C ALA A 103 1.81 9.60 4.85
N TYR A 104 2.11 10.84 4.41
CA TYR A 104 2.83 11.15 3.18
C TYR A 104 4.32 11.20 3.53
N HIS A 105 5.08 10.29 2.90
CA HIS A 105 6.49 10.13 3.22
C HIS A 105 7.37 10.80 2.13
N TYR A 106 8.33 11.60 2.58
CA TYR A 106 9.40 12.10 1.69
C TYR A 106 10.69 11.58 2.32
N GLN A 107 11.58 11.01 1.49
CA GLN A 107 12.73 10.34 2.04
C GLN A 107 13.97 10.59 1.18
N GLN A 108 15.14 10.69 1.84
CA GLN A 108 16.46 10.82 1.23
C GLN A 108 17.42 9.85 1.91
N ASN A 109 18.30 9.18 1.11
CA ASN A 109 19.33 8.30 1.65
C ASN A 109 20.64 8.75 1.01
N THR A 110 21.66 8.88 1.87
CA THR A 110 22.99 9.34 1.56
C THR A 110 24.01 8.34 2.12
N PRO A 111 25.10 7.99 1.37
CA PRO A 111 26.12 7.06 1.86
C PRO A 111 26.93 7.67 3.00
N ILE A 112 27.25 6.90 4.02
CA ILE A 112 28.12 7.35 5.10
C ILE A 112 29.55 7.38 4.56
N GLY A 113 29.94 6.35 3.80
CA GLY A 113 31.29 6.20 3.29
C GLY A 113 31.55 7.05 2.05
N ASP A 114 32.80 6.91 1.57
CA ASP A 114 33.33 7.53 0.37
C ASP A 114 33.29 6.58 -0.81
N GLY A 115 33.11 5.26 -0.57
CA GLY A 115 33.11 4.23 -1.59
C GLY A 115 32.11 4.50 -2.73
N PRO A 116 32.28 3.90 -3.94
CA PRO A 116 31.26 3.95 -4.99
C PRO A 116 29.93 3.29 -4.57
N VAL A 117 28.80 3.83 -5.00
CA VAL A 117 27.50 3.25 -4.70
C VAL A 117 26.78 3.10 -6.04
N LEU A 118 25.67 2.36 -6.06
CA LEU A 118 24.81 2.21 -7.23
C LEU A 118 23.68 3.24 -7.14
N LEU A 119 23.63 4.08 -8.18
CA LEU A 119 22.54 5.04 -8.31
C LEU A 119 21.53 4.38 -9.21
N PRO A 120 20.27 4.13 -8.77
CA PRO A 120 19.34 3.39 -9.61
C PRO A 120 18.56 4.21 -10.63
N ASP A 121 18.14 3.50 -11.70
CA ASP A 121 17.00 3.97 -12.48
C ASP A 121 15.76 3.95 -11.60
N ASN A 122 14.71 4.70 -12.02
CA ASN A 122 13.47 4.80 -11.27
C ASN A 122 12.86 3.40 -11.15
N HIS A 123 12.40 3.06 -9.95
CA HIS A 123 11.78 1.77 -9.70
C HIS A 123 10.98 1.90 -8.40
N TYR A 124 10.43 0.77 -7.94
CA TYR A 124 9.68 0.80 -6.72
C TYR A 124 10.00 -0.41 -5.87
N LEU A 125 9.67 -0.26 -4.57
CA LEU A 125 9.62 -1.40 -3.68
C LEU A 125 8.16 -1.61 -3.31
N SER A 126 7.80 -2.90 -3.32
CA SER A 126 6.50 -3.37 -2.91
C SER A 126 6.70 -4.00 -1.50
N VAL A 127 5.94 -3.55 -0.49
CA VAL A 127 6.16 -3.99 0.91
C VAL A 127 4.89 -4.61 1.42
N GLN A 128 5.00 -5.78 2.01
CA GLN A 128 3.86 -6.35 2.73
C GLN A 128 4.27 -6.47 4.19
N SER A 129 3.43 -5.96 5.09
CA SER A 129 3.74 -5.98 6.50
C SER A 129 2.65 -6.67 7.29
N LYS A 130 3.07 -7.37 8.35
CA LYS A 130 2.08 -7.84 9.35
C LYS A 130 2.57 -7.44 10.76
N LEU A 131 1.68 -6.91 11.60
CA LEU A 131 1.97 -6.55 12.97
C LEU A 131 1.27 -7.57 13.82
N SER A 132 1.95 -8.01 14.89
CA SER A 132 1.35 -8.96 15.85
C SER A 132 1.84 -8.62 17.24
N LYS A 133 1.25 -9.33 18.20
CA LYS A 133 1.62 -9.23 19.62
C LYS A 133 2.14 -10.57 20.12
N ASP A 134 3.18 -10.48 20.95
CA ASP A 134 3.82 -11.59 21.64
C ASP A 134 2.95 -11.85 22.87
N PRO A 135 2.20 -12.98 22.91
CA PRO A 135 1.26 -13.27 23.99
C PRO A 135 1.94 -13.38 25.35
N ASN A 136 3.28 -13.61 25.38
CA ASN A 136 4.04 -13.63 26.64
C ASN A 136 4.72 -12.30 26.97
N GLU A 137 4.47 -11.23 26.19
CA GLU A 137 5.16 -9.97 26.44
C GLU A 137 4.27 -9.03 27.26
N LYS A 138 4.76 -8.56 28.42
CA LYS A 138 4.04 -7.67 29.33
C LYS A 138 4.26 -6.21 28.98
N ARG A 139 5.38 -5.94 28.29
CA ARG A 139 5.77 -4.61 27.86
C ARG A 139 5.01 -4.18 26.62
N ASP A 140 4.95 -2.84 26.46
CA ASP A 140 4.39 -2.22 25.28
C ASP A 140 5.34 -2.60 24.14
N HIS A 141 4.79 -3.26 23.10
CA HIS A 141 5.68 -3.83 22.11
C HIS A 141 4.95 -4.02 20.79
N MET A 142 5.76 -4.37 19.78
CA MET A 142 5.29 -4.68 18.44
C MET A 142 6.15 -5.78 17.85
N VAL A 143 5.49 -6.79 17.25
CA VAL A 143 6.17 -7.80 16.43
C VAL A 143 5.85 -7.46 14.99
N LEU A 144 6.92 -7.25 14.18
CA LEU A 144 6.76 -6.84 12.80
C LEU A 144 7.39 -7.90 11.88
N LEU A 145 6.62 -8.28 10.87
CA LEU A 145 7.07 -9.08 9.73
C LEU A 145 6.94 -8.20 8.50
N GLU A 146 8.00 -8.12 7.67
CA GLU A 146 7.88 -7.44 6.39
C GLU A 146 8.48 -8.35 5.29
N PHE A 147 7.87 -8.25 4.12
CA PHE A 147 8.34 -8.79 2.85
C PHE A 147 8.49 -7.61 1.92
N VAL A 148 9.71 -7.43 1.38
CA VAL A 148 10.02 -6.25 0.57
C VAL A 148 10.71 -6.76 -0.71
N THR A 149 10.19 -6.35 -1.88
CA THR A 149 10.67 -6.78 -3.19
C THR A 149 10.74 -5.56 -4.11
N ALA A 150 11.78 -5.50 -4.98
CA ALA A 150 11.87 -4.42 -5.96
C ALA A 150 11.22 -4.84 -7.26
N ALA A 151 10.52 -3.90 -7.91
CA ALA A 151 9.92 -4.13 -9.22
C ALA A 151 9.80 -2.79 -9.92
N GLY A 152 8.98 -2.78 -10.97
CA GLY A 152 8.77 -1.50 -11.63
C GLY A 152 9.61 -1.36 -12.91
N ILE A 153 10.60 -2.22 -13.13
CA ILE A 153 11.41 -2.18 -14.34
C ILE A 153 11.13 -3.49 -15.09
N THR A 154 10.51 -3.38 -16.29
CA THR A 154 10.16 -4.56 -17.09
C THR A 154 11.42 -5.23 -17.63
N LEU A 155 11.26 -6.53 -17.93
CA LEU A 155 12.26 -7.43 -18.50
C LEU A 155 12.72 -6.97 -19.91
N VAL A 170 25.93 -6.66 -9.77
CA VAL A 170 25.82 -7.00 -8.32
C VAL A 170 26.99 -6.33 -7.60
N SER A 171 26.71 -5.43 -6.63
CA SER A 171 27.73 -4.69 -5.88
C SER A 171 28.45 -5.62 -4.89
N LYS A 172 29.62 -5.17 -4.39
CA LYS A 172 30.39 -5.80 -3.33
C LYS A 172 29.56 -5.90 -2.04
N GLY A 173 28.80 -4.82 -1.67
CA GLY A 173 28.02 -4.83 -0.42
C GLY A 173 26.93 -5.94 -0.39
N GLU A 174 26.47 -6.42 -1.56
CA GLU A 174 25.42 -7.44 -1.64
C GLU A 174 25.90 -8.78 -1.09
N GLU A 175 27.20 -9.04 -1.13
CA GLU A 175 27.78 -10.28 -0.59
C GLU A 175 27.52 -10.38 0.92
N LEU A 176 27.24 -9.24 1.59
CA LEU A 176 27.00 -9.24 3.03
C LEU A 176 25.57 -9.71 3.36
N PHE A 177 24.73 -9.87 2.32
CA PHE A 177 23.34 -10.24 2.51
C PHE A 177 22.93 -11.63 1.99
N THR A 178 23.90 -12.53 1.73
CA THR A 178 23.63 -13.83 1.11
C THR A 178 22.89 -14.79 2.06
N GLY A 179 22.99 -14.59 3.39
CA GLY A 179 22.28 -15.45 4.33
C GLY A 179 21.40 -14.61 5.28
N VAL A 180 21.17 -15.18 6.46
CA VAL A 180 20.33 -14.56 7.47
C VAL A 180 21.24 -13.63 8.26
N VAL A 181 20.85 -12.34 8.37
CA VAL A 181 21.69 -11.35 9.04
C VAL A 181 20.94 -10.85 10.28
N PRO A 182 21.63 -10.81 11.47
CA PRO A 182 21.02 -10.29 12.69
C PRO A 182 20.80 -8.77 12.62
N ILE A 183 19.69 -8.29 13.20
CA ILE A 183 19.38 -6.88 13.19
C ILE A 183 19.23 -6.37 14.62
N LEU A 184 19.71 -5.13 14.87
CA LEU A 184 19.46 -4.32 16.05
C LEU A 184 18.86 -2.99 15.62
N VAL A 185 17.78 -2.60 16.32
CA VAL A 185 17.11 -1.31 16.05
C VAL A 185 17.11 -0.47 17.35
N GLU A 186 17.48 0.82 17.27
CA GLU A 186 17.36 1.71 18.41
C GLU A 186 16.74 3.02 17.98
N LEU A 187 15.66 3.44 18.67
CA LEU A 187 15.02 4.72 18.35
C LEU A 187 14.85 5.56 19.62
N ASP A 188 15.15 6.88 19.47
CA ASP A 188 14.80 7.89 20.46
C ASP A 188 13.84 8.87 19.79
N GLY A 189 12.69 9.09 20.43
CA GLY A 189 11.66 9.91 19.80
C GLY A 189 11.21 11.03 20.72
N ASP A 190 10.60 12.05 20.14
CA ASP A 190 10.03 13.15 20.88
C ASP A 190 8.88 13.66 20.04
N VAL A 191 7.64 13.46 20.51
CA VAL A 191 6.49 13.90 19.74
C VAL A 191 5.67 14.85 20.63
N ASN A 192 5.61 16.13 20.23
CA ASN A 192 4.96 17.18 20.98
C ASN A 192 5.56 17.26 22.39
N GLY A 193 6.87 16.97 22.56
CA GLY A 193 7.42 16.98 23.92
C GLY A 193 7.29 15.63 24.63
N HIS A 194 6.44 14.70 24.11
CA HIS A 194 6.35 13.37 24.74
C HIS A 194 7.49 12.49 24.22
N LYS A 195 8.45 12.23 25.11
CA LYS A 195 9.64 11.51 24.69
C LYS A 195 9.47 10.02 24.93
N PHE A 196 10.21 9.23 24.16
CA PHE A 196 10.18 7.77 24.24
C PHE A 196 11.40 7.17 23.54
N SER A 197 11.65 5.89 23.85
CA SER A 197 12.64 5.02 23.21
C SER A 197 12.01 3.69 22.91
N VAL A 198 12.55 3.13 21.83
CA VAL A 198 12.23 1.81 21.38
C VAL A 198 13.56 1.09 21.08
N SER A 199 13.59 -0.18 21.50
CA SER A 199 14.67 -1.10 21.13
C SER A 199 14.01 -2.23 20.34
N GLY A 200 14.72 -2.68 19.33
CA GLY A 200 14.20 -3.84 18.65
C GLY A 200 15.30 -4.79 18.22
N GLU A 201 14.91 -6.03 17.96
CA GLU A 201 15.93 -6.95 17.49
C GLU A 201 15.27 -7.94 16.57
N GLY A 202 16.07 -8.56 15.73
CA GLY A 202 15.56 -9.67 14.92
C GLY A 202 16.57 -10.05 13.84
N GLU A 203 16.04 -10.39 12.66
CA GLU A 203 16.86 -10.91 11.58
C GLU A 203 16.26 -10.64 10.19
N GLY A 204 17.15 -10.58 9.20
CA GLY A 204 16.75 -10.31 7.83
C GLY A 204 17.38 -11.30 6.86
N ASP A 205 16.64 -11.59 5.80
CA ASP A 205 17.08 -12.58 4.82
C ASP A 205 16.70 -12.03 3.45
N ALA A 206 17.67 -11.29 2.90
CA ALA A 206 17.49 -10.55 1.66
C ALA A 206 17.17 -11.46 0.47
N THR A 207 17.60 -12.74 0.52
CA THR A 207 17.28 -13.73 -0.51
C THR A 207 15.77 -13.77 -0.71
N TYR A 208 14.99 -13.64 0.39
CA TYR A 208 13.54 -13.65 0.24
C TYR A 208 12.88 -12.31 0.49
N GLY A 209 13.63 -11.22 0.68
CA GLY A 209 13.09 -9.92 1.07
C GLY A 209 12.38 -9.99 2.43
N LYS A 210 12.80 -10.93 3.31
CA LYS A 210 12.10 -11.21 4.54
C LYS A 210 12.81 -10.58 5.74
N LEU A 211 11.99 -9.97 6.62
CA LEU A 211 12.56 -9.55 7.91
C LEU A 211 11.54 -9.64 9.03
N THR A 212 12.04 -9.99 10.23
CA THR A 212 11.17 -10.21 11.39
C THR A 212 11.88 -9.50 12.54
N LEU A 213 11.17 -8.57 13.18
CA LEU A 213 11.71 -7.78 14.29
C LEU A 213 10.68 -7.76 15.41
N LYS A 214 11.19 -7.60 16.64
CA LYS A 214 10.36 -7.35 17.80
C LYS A 214 10.86 -6.08 18.45
N PHE A 215 9.95 -5.19 18.80
CA PHE A 215 10.35 -3.90 19.36
C PHE A 215 9.70 -3.78 20.73
N ILE A 216 10.43 -3.12 21.62
CA ILE A 216 9.99 -2.82 22.97
C ILE A 216 10.03 -1.31 23.19
N CYS A 217 8.94 -0.73 23.75
CA CYS A 217 9.01 0.68 24.17
C CYS A 217 9.72 0.68 25.54
N THR A 218 10.99 1.13 25.57
CA THR A 218 11.76 0.98 26.81
C THR A 218 11.47 2.06 27.86
N THR A 219 10.66 3.08 27.49
CA THR A 219 10.33 4.21 28.40
C THR A 219 8.98 4.06 29.09
N GLY A 220 8.25 2.97 28.82
CA GLY A 220 6.92 2.81 29.43
C GLY A 220 5.87 2.58 28.34
N LYS A 221 4.87 3.46 28.19
CA LYS A 221 3.86 3.36 27.14
C LYS A 221 4.32 4.23 25.98
N LEU A 222 4.17 3.69 24.77
CA LEU A 222 4.47 4.46 23.58
C LEU A 222 3.40 5.56 23.45
N PRO A 223 3.74 6.86 23.29
CA PRO A 223 2.74 7.92 23.19
C PRO A 223 2.13 8.09 21.79
N VAL A 224 2.50 7.21 20.83
CA VAL A 224 1.99 7.27 19.47
C VAL A 224 1.64 5.83 19.12
N PRO A 225 0.76 5.53 18.10
CA PRO A 225 0.47 4.17 17.72
C PRO A 225 1.70 3.52 17.09
N TRP A 226 1.96 2.27 17.47
CA TRP A 226 3.02 1.46 16.90
C TRP A 226 2.99 1.48 15.36
N PRO A 227 1.82 1.34 14.65
CA PRO A 227 1.82 1.37 13.18
C PRO A 227 2.46 2.63 12.55
N THR A 228 2.46 3.75 13.26
CA THR A 228 3.04 4.99 12.74
C THR A 228 4.57 4.93 12.75
N LEU A 229 5.18 3.94 13.44
CA LEU A 229 6.65 3.82 13.52
C LEU A 229 7.19 2.71 12.62
N VAL A 230 6.29 1.95 11.93
CA VAL A 230 6.74 0.81 11.14
C VAL A 230 7.78 1.26 10.11
N THR A 231 7.45 2.32 9.36
CA THR A 231 8.36 2.69 8.29
C THR A 231 9.69 3.18 8.87
N THR A 232 9.65 3.81 10.05
CA THR A 232 10.87 4.32 10.62
C THR A 232 11.75 3.19 11.12
N LEU A 233 11.16 2.26 11.91
CA LEU A 233 11.94 1.19 12.53
C LEU A 233 12.40 0.15 11.48
N1 CR2 A 234 11.43 -0.29 10.55
CA1 CR2 A 234 11.71 -1.19 9.39
C1 CR2 A 234 11.60 -0.44 8.10
N2 CR2 A 234 10.58 -0.59 7.28
N3 CR2 A 234 12.48 0.53 7.67
C2 CR2 A 234 12.07 1.00 6.45
O2 CR2 A 234 12.62 1.90 5.78
CA2 CR2 A 234 10.79 0.34 6.24
CA3 CR2 A 234 13.64 1.05 8.37
C3 CR2 A 234 14.94 0.39 7.93
O3 CR2 A 234 15.98 1.17 7.72
CB2 CR2 A 234 10.00 0.70 5.18
CG2 CR2 A 234 8.62 0.41 4.84
CD1 CR2 A 234 8.07 0.98 3.68
CD2 CR2 A 234 7.80 -0.40 5.65
CE1 CR2 A 234 6.73 0.84 3.35
CE2 CR2 A 234 6.46 -0.57 5.33
CZ CR2 A 234 5.95 0.03 4.18
OH CR2 A 234 4.69 -0.26 3.80
N VAL A 235 14.93 -0.82 7.23
CA VAL A 235 16.17 -1.59 6.88
C VAL A 235 15.98 -2.15 5.47
N GLN A 236 15.82 -1.23 4.51
CA GLN A 236 15.50 -1.50 3.11
C GLN A 236 16.63 -2.24 2.38
N CYS A 237 17.80 -2.30 3.04
CA CYS A 237 18.92 -3.14 2.63
C CYS A 237 18.50 -4.63 2.55
N PHE A 238 17.36 -5.04 3.20
CA PHE A 238 16.90 -6.42 3.14
C PHE A 238 15.96 -6.68 1.95
N SER A 239 15.75 -5.68 1.06
CA SER A 239 14.85 -5.84 -0.08
C SER A 239 15.36 -6.95 -1.01
N ARG A 240 14.42 -7.77 -1.53
CA ARG A 240 14.80 -8.69 -2.59
C ARG A 240 14.82 -7.94 -3.93
N TYR A 241 16.01 -7.75 -4.53
CA TYR A 241 16.06 -7.22 -5.91
C TYR A 241 16.15 -8.39 -6.87
N PRO A 242 15.27 -8.49 -7.91
CA PRO A 242 15.38 -9.53 -8.94
C PRO A 242 16.69 -9.39 -9.69
N ASP A 243 17.12 -10.49 -10.30
CA ASP A 243 18.41 -10.55 -10.99
C ASP A 243 18.60 -9.45 -12.02
N HIS A 244 17.56 -9.13 -12.80
CA HIS A 244 17.73 -8.07 -13.79
C HIS A 244 17.78 -6.67 -13.15
N MET A 245 17.66 -6.51 -11.82
CA MET A 245 17.55 -5.18 -11.23
C MET A 245 18.61 -5.00 -10.15
N LYS A 246 19.56 -5.94 -10.11
CA LYS A 246 20.61 -5.89 -9.10
C LYS A 246 21.46 -4.62 -9.19
N GLN A 247 21.65 -4.05 -10.40
CA GLN A 247 22.38 -2.80 -10.55
C GLN A 247 21.61 -1.58 -9.97
N HIS A 248 20.36 -1.71 -9.57
CA HIS A 248 19.60 -0.61 -8.97
C HIS A 248 19.44 -0.69 -7.43
N ASP A 249 20.18 -1.57 -6.76
CA ASP A 249 20.11 -1.75 -5.31
C ASP A 249 21.12 -0.83 -4.63
N PHE A 250 20.73 0.41 -4.32
CA PHE A 250 21.56 1.40 -3.66
C PHE A 250 21.92 0.92 -2.24
N PHE A 251 20.92 0.37 -1.55
CA PHE A 251 21.00 0.07 -0.13
C PHE A 251 22.18 -0.83 0.17
N LYS A 252 22.27 -1.94 -0.56
CA LYS A 252 23.30 -2.94 -0.25
C LYS A 252 24.63 -2.42 -0.73
N SER A 253 24.61 -1.64 -1.84
CA SER A 253 25.87 -1.09 -2.39
C SER A 253 26.54 -0.16 -1.40
N ALA A 254 25.76 0.42 -0.45
CA ALA A 254 26.42 1.32 0.48
C ALA A 254 27.02 0.59 1.70
N MET A 255 26.81 -0.73 1.78
CA MET A 255 27.27 -1.47 2.94
C MET A 255 28.73 -1.85 2.72
N PRO A 256 29.61 -2.07 3.74
CA PRO A 256 29.22 -2.08 5.16
C PRO A 256 29.14 -0.72 5.86
N GLU A 257 29.79 0.31 5.29
CA GLU A 257 29.86 1.69 5.83
C GLU A 257 28.46 2.24 6.08
N GLY A 258 27.50 1.96 5.16
CA GLY A 258 26.11 2.27 5.44
C GLY A 258 25.65 3.56 4.78
N TYR A 259 24.41 3.94 5.17
CA TYR A 259 23.80 5.17 4.73
C TYR A 259 23.00 5.84 5.87
N ILE A 260 22.73 7.11 5.61
CA ILE A 260 21.82 7.95 6.36
C ILE A 260 20.48 7.84 5.63
N GLN A 261 19.40 7.58 6.40
CA GLN A 261 18.04 7.57 5.91
C GLN A 261 17.31 8.68 6.65
N GLU A 262 16.79 9.66 5.89
CA GLU A 262 16.03 10.79 6.44
C GLU A 262 14.66 10.85 5.82
N ARG A 263 13.66 11.07 6.73
CA ARG A 263 12.28 11.21 6.35
C ARG A 263 11.63 12.44 6.98
N THR A 264 10.70 13.01 6.19
CA THR A 264 9.58 13.79 6.73
C THR A 264 8.31 13.01 6.42
N ILE A 265 7.53 12.77 7.47
CA ILE A 265 6.27 12.08 7.29
C ILE A 265 5.11 13.00 7.67
N PHE A 266 4.20 13.31 6.76
CA PHE A 266 3.08 14.22 7.08
C PHE A 266 1.82 13.40 7.28
N PHE A 267 1.28 13.42 8.51
CA PHE A 267 -0.01 12.71 8.72
C PHE A 267 -1.07 13.74 8.36
N LYS A 268 -1.88 13.46 7.34
CA LYS A 268 -2.86 14.45 6.90
C LYS A 268 -3.78 14.86 8.03
N ASP A 269 -4.02 16.20 8.16
CA ASP A 269 -4.91 16.79 9.17
C ASP A 269 -4.31 16.69 10.56
N ASP A 270 -3.00 16.43 10.65
CA ASP A 270 -2.36 16.28 11.93
C ASP A 270 -0.88 16.68 11.80
N GLY A 271 -0.04 16.29 12.78
CA GLY A 271 1.36 16.74 12.74
C GLY A 271 2.23 15.88 11.82
N ASN A 272 3.57 16.08 11.90
CA ASN A 272 4.52 15.38 11.05
C ASN A 272 5.70 14.88 11.87
N TYR A 273 6.30 13.79 11.41
CA TYR A 273 7.53 13.28 12.01
C TYR A 273 8.66 13.73 11.09
N LYS A 274 9.81 14.03 11.73
CA LYS A 274 11.11 14.21 11.07
C LYS A 274 12.02 13.13 11.64
N THR A 275 12.65 12.32 10.76
CA THR A 275 13.49 11.24 11.27
C THR A 275 14.85 11.26 10.60
N ARG A 276 15.88 10.88 11.39
CA ARG A 276 17.21 10.65 10.84
C ARG A 276 17.71 9.33 11.44
N ALA A 277 18.18 8.43 10.55
CA ALA A 277 18.70 7.13 10.90
C ALA A 277 20.05 6.84 10.24
N GLU A 278 20.88 6.10 10.96
CA GLU A 278 22.13 5.55 10.45
C GLU A 278 21.91 4.05 10.38
N VAL A 279 22.09 3.49 9.16
CA VAL A 279 21.87 2.07 8.84
C VAL A 279 23.26 1.56 8.37
N LYS A 280 23.87 0.65 9.14
CA LYS A 280 25.26 0.23 8.92
C LYS A 280 25.54 -1.07 9.66
N PHE A 281 26.55 -1.81 9.18
CA PHE A 281 27.09 -2.94 9.92
C PHE A 281 27.96 -2.46 11.10
N GLU A 282 27.78 -3.14 12.24
CA GLU A 282 28.51 -3.08 13.50
C GLU A 282 28.79 -4.56 13.76
N GLY A 283 30.02 -4.94 13.35
CA GLY A 283 30.51 -6.30 13.26
C GLY A 283 29.64 -7.00 12.22
N ASP A 284 29.00 -8.08 12.67
CA ASP A 284 28.11 -8.85 11.85
C ASP A 284 26.66 -8.42 11.94
N THR A 285 26.33 -7.37 12.70
CA THR A 285 24.92 -7.02 12.87
C THR A 285 24.61 -5.77 12.05
N LEU A 286 23.45 -5.78 11.39
CA LEU A 286 22.93 -4.61 10.70
C LEU A 286 22.17 -3.83 11.75
N VAL A 287 22.60 -2.60 11.96
CA VAL A 287 22.06 -1.75 12.98
C VAL A 287 21.34 -0.57 12.34
N ASN A 288 20.23 -0.19 12.97
CA ASN A 288 19.40 0.93 12.54
C ASN A 288 19.23 1.82 13.77
N ARG A 289 19.99 2.94 13.77
CA ARG A 289 19.92 3.88 14.89
C ARG A 289 19.15 5.13 14.45
N ILE A 290 18.06 5.48 15.15
CA ILE A 290 17.18 6.53 14.66
C ILE A 290 16.91 7.59 15.74
N GLU A 291 16.77 8.83 15.28
CA GLU A 291 16.21 9.95 16.02
C GLU A 291 14.91 10.40 15.34
N LEU A 292 13.84 10.61 16.12
CA LEU A 292 12.55 11.05 15.61
C LEU A 292 12.08 12.26 16.39
N LYS A 293 11.65 13.29 15.63
CA LYS A 293 11.00 14.45 16.23
C LYS A 293 9.66 14.65 15.53
N GLY A 294 8.60 14.79 16.33
CA GLY A 294 7.22 14.98 15.90
C GLY A 294 6.72 16.32 16.49
N ILE A 295 6.10 17.16 15.64
CA ILE A 295 5.56 18.48 16.04
C ILE A 295 4.15 18.65 15.48
N ASP A 296 3.41 19.61 16.04
CA ASP A 296 2.12 20.04 15.52
C ASP A 296 1.01 18.97 15.63
N PHE A 297 1.18 17.92 16.49
CA PHE A 297 0.15 16.90 16.63
C PHE A 297 -1.01 17.43 17.46
N LYS A 298 -2.21 16.93 17.16
CA LYS A 298 -3.41 17.27 17.86
C LYS A 298 -3.48 16.31 19.04
N GLU A 299 -3.83 16.85 20.21
CA GLU A 299 -3.88 16.09 21.46
C GLU A 299 -4.92 14.99 21.37
N ASP A 300 -6.03 15.25 20.67
CA ASP A 300 -7.14 14.32 20.46
C ASP A 300 -7.26 13.91 18.99
N GLY A 301 -6.15 13.95 18.22
CA GLY A 301 -6.11 13.47 16.84
C GLY A 301 -5.88 11.97 16.85
N ASN A 302 -5.78 11.38 15.65
CA ASN A 302 -5.62 9.95 15.50
C ASN A 302 -4.33 9.39 16.10
N ILE A 303 -3.29 10.21 16.10
CA ILE A 303 -1.96 9.81 16.51
C ILE A 303 -1.83 9.90 18.05
N LEU A 304 -1.90 11.10 18.61
CA LEU A 304 -1.77 11.24 20.07
C LEU A 304 -2.95 10.62 20.84
N GLY A 305 -4.12 10.56 20.18
CA GLY A 305 -5.33 9.99 20.76
C GLY A 305 -5.48 8.48 20.53
N HIS A 306 -4.48 7.81 19.90
CA HIS A 306 -4.42 6.35 19.72
C HIS A 306 -5.71 5.85 19.08
N LYS A 307 -6.06 6.34 17.86
CA LYS A 307 -7.33 5.98 17.23
C LYS A 307 -7.12 5.07 16.02
N LEU A 308 -5.88 4.56 15.86
CA LEU A 308 -5.53 3.73 14.71
C LEU A 308 -5.60 2.27 15.08
N GLU A 309 -6.08 1.43 14.12
CA GLU A 309 -6.15 0.00 14.26
C GLU A 309 -4.73 -0.56 14.31
N TYR A 310 -4.54 -1.60 15.15
CA TYR A 310 -3.23 -2.24 15.25
C TYR A 310 -3.00 -3.20 14.08
N ASN A 311 -3.81 -4.25 13.90
CA ASN A 311 -3.63 -5.19 12.80
C ASN A 311 -4.97 -5.47 12.10
N LEU A 312 -4.90 -6.04 10.88
CA LEU A 312 -6.06 -6.44 10.07
C LEU A 312 -6.17 -7.96 10.21
N PRO A 313 -7.37 -8.62 10.06
CA PRO A 313 -7.39 -10.07 9.93
C PRO A 313 -6.45 -10.50 8.79
N ASP A 314 -5.56 -11.43 9.10
CA ASP A 314 -4.62 -11.99 8.15
C ASP A 314 -5.40 -12.95 7.23
N GLN A 315 -6.74 -13.03 7.49
CA GLN A 315 -7.86 -13.80 6.96
C GLN A 315 -8.13 -13.56 5.46
N LEU A 316 -9.30 -13.00 5.10
CA LEU A 316 -9.88 -12.88 3.74
C LEU A 316 -10.52 -14.23 3.41
N THR A 317 -11.85 -14.24 3.43
CA THR A 317 -12.67 -15.43 3.20
C THR A 317 -12.58 -15.89 1.72
N GLU A 318 -12.88 -17.18 1.52
CA GLU A 318 -12.99 -17.87 0.23
C GLU A 318 -14.05 -17.14 -0.62
N GLU A 319 -15.14 -16.63 0.01
CA GLU A 319 -16.21 -15.90 -0.66
C GLU A 319 -15.68 -14.57 -1.24
N GLN A 320 -14.80 -13.86 -0.52
CA GLN A 320 -14.21 -12.61 -0.99
C GLN A 320 -13.25 -12.89 -2.16
N ILE A 321 -12.42 -13.95 -2.05
CA ILE A 321 -11.52 -14.37 -3.11
C ILE A 321 -12.30 -14.70 -4.37
N ALA A 322 -13.42 -15.42 -4.21
CA ALA A 322 -14.21 -15.80 -5.37
C ALA A 322 -14.79 -14.54 -6.01
N GLU A 323 -15.20 -13.55 -5.20
CA GLU A 323 -15.66 -12.27 -5.71
C GLU A 323 -14.57 -11.57 -6.56
N PHE A 324 -13.29 -11.58 -6.05
CA PHE A 324 -12.15 -11.07 -6.81
C PHE A 324 -11.99 -11.77 -8.18
N LYS A 325 -12.15 -13.10 -8.18
CA LYS A 325 -12.01 -13.91 -9.38
C LYS A 325 -13.08 -13.52 -10.39
N GLU A 326 -14.31 -13.25 -9.91
CA GLU A 326 -15.37 -12.83 -10.84
C GLU A 326 -15.01 -11.51 -11.52
N ALA A 327 -14.49 -10.55 -10.73
CA ALA A 327 -14.09 -9.26 -11.24
C ALA A 327 -12.94 -9.41 -12.26
N PHE A 328 -11.96 -10.23 -11.90
CA PHE A 328 -10.81 -10.56 -12.76
C PHE A 328 -11.29 -10.98 -14.15
N SER A 329 -12.33 -11.85 -14.13
CA SER A 329 -12.80 -12.40 -15.38
C SER A 329 -13.54 -11.36 -16.23
N LEU A 330 -13.99 -10.25 -15.65
CA LEU A 330 -14.55 -9.20 -16.51
C LEU A 330 -13.43 -8.51 -17.28
N PHE A 331 -12.20 -8.39 -16.69
CA PHE A 331 -11.10 -7.85 -17.46
C PHE A 331 -10.51 -8.90 -18.43
N ASP A 332 -10.38 -10.17 -17.97
CA ASP A 332 -9.68 -11.17 -18.76
C ASP A 332 -10.67 -11.77 -19.74
N LYS A 333 -10.95 -11.01 -20.80
CA LYS A 333 -12.05 -11.41 -21.67
C LYS A 333 -11.65 -12.62 -22.51
N ASP A 334 -10.34 -12.92 -22.67
CA ASP A 334 -10.07 -14.11 -23.50
C ASP A 334 -9.87 -15.36 -22.61
N GLY A 335 -10.02 -15.25 -21.29
CA GLY A 335 -9.88 -16.37 -20.38
C GLY A 335 -8.47 -16.96 -20.29
N ASP A 336 -7.39 -16.16 -20.53
CA ASP A 336 -6.09 -16.80 -20.59
C ASP A 336 -5.36 -16.66 -19.26
N GLY A 337 -6.03 -16.05 -18.26
CA GLY A 337 -5.48 -15.92 -16.92
C GLY A 337 -4.57 -14.72 -16.70
N THR A 338 -4.59 -13.77 -17.65
CA THR A 338 -3.76 -12.60 -17.46
C THR A 338 -4.50 -11.42 -18.09
N ILE A 339 -4.24 -10.21 -17.55
CA ILE A 339 -4.85 -9.03 -18.14
C ILE A 339 -3.83 -8.23 -18.95
N THR A 340 -4.15 -7.95 -20.21
CA THR A 340 -3.23 -7.21 -21.08
C THR A 340 -3.61 -5.71 -21.11
N THR A 341 -2.73 -4.82 -21.67
CA THR A 341 -3.13 -3.40 -21.85
C THR A 341 -4.40 -3.31 -22.71
N LYS A 342 -4.49 -4.17 -23.73
CA LYS A 342 -5.69 -4.18 -24.59
C LYS A 342 -6.96 -4.48 -23.76
N GLU A 343 -6.91 -5.48 -22.89
CA GLU A 343 -8.05 -5.86 -22.05
C GLU A 343 -8.41 -4.76 -21.06
N LEU A 344 -7.36 -4.27 -20.38
CA LEU A 344 -7.49 -3.13 -19.50
C LEU A 344 -8.17 -1.91 -20.18
N GLY A 345 -7.68 -1.53 -21.36
CA GLY A 345 -8.19 -0.40 -22.12
C GLY A 345 -9.64 -0.60 -22.53
N THR A 346 -9.99 -1.83 -22.95
CA THR A 346 -11.39 -2.18 -23.27
C THR A 346 -12.30 -1.82 -22.08
N VAL A 347 -11.98 -2.28 -20.85
CA VAL A 347 -12.81 -2.04 -19.66
C VAL A 347 -12.88 -0.54 -19.33
N MET A 348 -11.73 0.13 -19.33
CA MET A 348 -11.70 1.55 -19.04
C MET A 348 -12.58 2.37 -19.96
N ARG A 349 -12.52 2.06 -21.28
CA ARG A 349 -13.30 2.73 -22.31
C ARG A 349 -14.79 2.48 -22.14
N SER A 350 -15.14 1.26 -21.72
CA SER A 350 -16.54 0.96 -21.47
C SER A 350 -17.04 1.73 -20.22
N LEU A 351 -16.09 2.16 -19.36
CA LEU A 351 -16.42 2.95 -18.18
C LEU A 351 -16.43 4.47 -18.47
N GLY A 352 -16.13 4.86 -19.72
CA GLY A 352 -16.13 6.25 -20.15
C GLY A 352 -14.77 6.95 -20.09
N GLN A 353 -13.68 6.22 -19.74
CA GLN A 353 -12.33 6.78 -19.74
C GLN A 353 -11.71 6.46 -21.09
N ASN A 354 -10.52 6.99 -21.37
CA ASN A 354 -9.91 6.78 -22.67
C ASN A 354 -8.39 6.92 -22.50
N PRO A 355 -7.71 6.08 -21.66
CA PRO A 355 -6.27 6.22 -21.45
C PRO A 355 -5.47 5.95 -22.72
N THR A 356 -4.25 6.48 -22.78
CA THR A 356 -3.32 6.16 -23.86
C THR A 356 -2.69 4.80 -23.51
N GLU A 357 -1.99 4.28 -24.51
CA GLU A 357 -1.21 3.07 -24.40
C GLU A 357 -0.20 3.18 -23.24
N ALA A 358 0.49 4.34 -23.16
CA ALA A 358 1.49 4.62 -22.14
C ALA A 358 0.88 4.54 -20.74
N GLU A 359 -0.33 5.13 -20.57
CA GLU A 359 -1.00 5.14 -19.28
C GLU A 359 -1.36 3.71 -18.87
N LEU A 360 -1.79 2.93 -19.87
CA LEU A 360 -2.19 1.53 -19.70
C LEU A 360 -0.96 0.74 -19.24
N GLN A 361 0.19 0.92 -19.92
CA GLN A 361 1.40 0.20 -19.47
C GLN A 361 1.81 0.56 -18.03
N ASP A 362 1.68 1.87 -17.69
CA ASP A 362 2.07 2.35 -16.36
C ASP A 362 1.10 1.81 -15.31
N MET A 363 -0.21 1.72 -15.67
CA MET A 363 -1.17 1.16 -14.72
C MET A 363 -0.83 -0.32 -14.38
N ILE A 364 -0.48 -1.11 -15.42
CA ILE A 364 -0.13 -2.51 -15.25
C ILE A 364 1.18 -2.58 -14.47
N ASN A 365 2.11 -1.72 -14.84
CA ASN A 365 3.45 -1.77 -14.22
C ASN A 365 3.40 -1.56 -12.68
N GLU A 366 2.40 -0.83 -12.21
CA GLU A 366 2.12 -0.56 -10.81
C GLU A 366 1.90 -1.83 -10.00
N VAL A 367 1.31 -2.88 -10.63
CA VAL A 367 1.07 -4.13 -9.90
C VAL A 367 1.79 -5.36 -10.52
N ASP A 368 2.64 -5.14 -11.50
CA ASP A 368 3.18 -6.26 -12.30
C ASP A 368 4.41 -6.85 -11.59
N ALA A 369 4.18 -7.82 -10.68
CA ALA A 369 5.22 -8.37 -9.81
C ALA A 369 6.34 -9.00 -10.62
N ASP A 370 5.99 -9.71 -11.69
CA ASP A 370 7.01 -10.44 -12.44
C ASP A 370 7.54 -9.64 -13.63
N GLY A 371 7.06 -8.42 -13.88
CA GLY A 371 7.59 -7.56 -14.95
C GLY A 371 7.29 -8.04 -16.39
N ASP A 372 6.32 -8.96 -16.60
CA ASP A 372 6.01 -9.44 -17.96
C ASP A 372 5.11 -8.48 -18.75
N GLY A 373 4.68 -7.37 -18.15
CA GLY A 373 3.83 -6.46 -18.90
C GLY A 373 2.33 -6.79 -18.82
N THR A 374 1.92 -7.79 -18.04
CA THR A 374 0.49 -8.17 -17.98
C THR A 374 0.11 -8.35 -16.51
N ILE A 375 -1.17 -8.12 -16.13
CA ILE A 375 -1.60 -8.41 -14.77
C ILE A 375 -2.08 -9.87 -14.73
N ASP A 376 -1.22 -10.75 -14.24
CA ASP A 376 -1.52 -12.17 -14.10
C ASP A 376 -2.59 -12.37 -13.00
N PHE A 377 -3.29 -13.50 -13.04
CA PHE A 377 -4.29 -13.83 -12.04
C PHE A 377 -3.80 -13.59 -10.61
N PRO A 378 -2.64 -14.12 -10.14
CA PRO A 378 -2.16 -13.87 -8.78
C PRO A 378 -1.83 -12.44 -8.46
N GLU A 379 -1.32 -11.68 -9.45
CA GLU A 379 -0.99 -10.28 -9.24
C GLU A 379 -2.27 -9.50 -8.95
N PHE A 380 -3.33 -9.87 -9.65
CA PHE A 380 -4.62 -9.21 -9.52
C PHE A 380 -5.22 -9.58 -8.14
N LEU A 381 -5.13 -10.85 -7.76
CA LEU A 381 -5.62 -11.31 -6.47
C LEU A 381 -4.93 -10.55 -5.35
N THR A 382 -3.60 -10.48 -5.40
CA THR A 382 -2.81 -9.73 -4.42
C THR A 382 -3.29 -8.28 -4.33
N MET A 383 -3.44 -7.65 -5.51
CA MET A 383 -3.80 -6.24 -5.53
C MET A 383 -5.17 -6.03 -4.87
N MET A 384 -6.12 -6.95 -5.16
CA MET A 384 -7.45 -6.80 -4.59
C MET A 384 -7.47 -6.98 -3.07
N ALA A 385 -6.73 -8.00 -2.59
CA ALA A 385 -6.62 -8.31 -1.17
C ALA A 385 -6.15 -7.07 -0.41
N ARG A 386 -5.14 -6.39 -0.95
CA ARG A 386 -4.55 -5.21 -0.35
C ARG A 386 -5.50 -4.02 -0.47
N LYS A 387 -6.25 -3.94 -1.58
CA LYS A 387 -7.22 -2.86 -1.74
C LYS A 387 -8.36 -2.99 -0.72
N MET A 388 -8.72 -4.25 -0.37
CA MET A 388 -9.75 -4.46 0.63
C MET A 388 -9.24 -4.28 2.06
N LYS A 389 -7.96 -4.54 2.33
CA LYS A 389 -7.46 -4.47 3.69
C LYS A 389 -7.18 -3.03 4.12
N TYR A 390 -6.71 -2.14 3.22
CA TYR A 390 -6.33 -0.77 3.57
C TYR A 390 -7.36 0.16 2.94
N ARG A 391 -8.00 0.96 3.77
CA ARG A 391 -9.20 1.68 3.34
C ARG A 391 -8.91 2.85 2.40
N ASP A 392 -9.97 3.22 1.68
CA ASP A 392 -9.98 4.32 0.71
C ASP A 392 -10.21 5.66 1.37
N THR A 393 -9.75 6.75 0.70
CA THR A 393 -10.07 8.10 1.17
C THR A 393 -11.45 8.45 0.61
N GLU A 394 -12.07 9.48 1.20
CA GLU A 394 -13.35 9.93 0.67
C GLU A 394 -13.14 10.39 -0.79
N GLU A 395 -12.05 11.11 -1.07
CA GLU A 395 -11.77 11.55 -2.45
C GLU A 395 -11.76 10.35 -3.44
N GLU A 396 -11.14 9.22 -3.06
CA GLU A 396 -11.12 7.98 -3.83
C GLU A 396 -12.53 7.36 -3.94
N ILE A 397 -13.31 7.33 -2.84
CA ILE A 397 -14.66 6.77 -2.99
C ILE A 397 -15.50 7.66 -3.93
N ARG A 398 -15.31 8.99 -3.88
CA ARG A 398 -16.07 9.90 -4.74
C ARG A 398 -15.69 9.73 -6.23
N GLU A 399 -14.43 9.42 -6.48
CA GLU A 399 -13.99 9.13 -7.83
C GLU A 399 -14.73 7.89 -8.38
N ALA A 400 -14.80 6.80 -7.56
CA ALA A 400 -15.51 5.58 -7.88
C ALA A 400 -17.00 5.87 -8.14
N PHE A 401 -17.58 6.76 -7.31
CA PHE A 401 -19.01 7.12 -7.36
C PHE A 401 -19.25 7.82 -8.69
N GLY A 402 -18.29 8.69 -9.02
CA GLY A 402 -18.20 9.46 -10.25
C GLY A 402 -18.27 8.61 -11.52
N VAL A 403 -17.85 7.34 -11.45
CA VAL A 403 -17.94 6.44 -12.60
C VAL A 403 -19.42 6.16 -12.92
N PHE A 404 -20.23 6.02 -11.87
CA PHE A 404 -21.64 5.69 -12.05
C PHE A 404 -22.49 6.94 -12.23
N ASP A 405 -22.19 7.95 -11.41
CA ASP A 405 -22.87 9.24 -11.40
C ASP A 405 -22.51 10.06 -12.64
N LYS A 406 -22.94 9.62 -13.84
CA LYS A 406 -22.61 10.29 -15.11
C LYS A 406 -22.91 11.81 -15.12
N ASP A 407 -24.09 12.28 -14.65
CA ASP A 407 -24.44 13.71 -14.64
C ASP A 407 -23.82 14.50 -13.48
N GLY A 408 -23.21 13.84 -12.50
CA GLY A 408 -22.50 14.48 -11.41
C GLY A 408 -23.43 15.15 -10.38
N ASN A 409 -24.72 14.77 -10.33
CA ASN A 409 -25.63 15.39 -9.37
C ASN A 409 -25.54 14.82 -7.93
N GLY A 410 -24.69 13.80 -7.68
CA GLY A 410 -24.58 13.15 -6.38
C GLY A 410 -25.55 11.98 -6.18
N TYR A 411 -26.19 11.52 -7.26
CA TYR A 411 -27.24 10.48 -7.23
C TYR A 411 -27.07 9.58 -8.45
N ILE A 412 -26.94 8.26 -8.15
CA ILE A 412 -26.89 7.20 -9.14
C ILE A 412 -28.34 6.76 -9.37
N SER A 413 -28.83 7.06 -10.59
CA SER A 413 -30.16 6.66 -11.03
C SER A 413 -30.07 5.27 -11.61
N ALA A 414 -31.26 4.65 -11.79
CA ALA A 414 -31.36 3.38 -12.47
C ALA A 414 -30.83 3.51 -13.90
N ALA A 415 -31.14 4.64 -14.57
CA ALA A 415 -30.68 4.90 -15.95
C ALA A 415 -29.14 4.94 -16.02
N GLU A 416 -28.49 5.61 -15.06
CA GLU A 416 -27.03 5.67 -14.90
C GLU A 416 -26.42 4.27 -14.65
N LEU A 417 -26.97 3.54 -13.67
CA LEU A 417 -26.50 2.20 -13.38
C LEU A 417 -26.67 1.31 -14.61
N ARG A 418 -27.86 1.33 -15.25
CA ARG A 418 -28.15 0.54 -16.45
C ARG A 418 -27.12 0.87 -17.53
N HIS A 419 -26.81 2.17 -17.70
CA HIS A 419 -25.77 2.64 -18.63
C HIS A 419 -24.43 1.93 -18.37
N VAL A 420 -23.99 1.90 -17.10
CA VAL A 420 -22.69 1.36 -16.71
C VAL A 420 -22.61 -0.14 -16.96
N MET A 421 -23.67 -0.86 -16.54
CA MET A 421 -23.77 -2.31 -16.62
C MET A 421 -23.71 -2.77 -18.07
N THR A 422 -24.61 -2.22 -18.90
CA THR A 422 -24.74 -2.58 -20.30
C THR A 422 -23.47 -2.21 -21.05
N ASN A 423 -22.85 -1.04 -20.74
CA ASN A 423 -21.52 -0.68 -21.27
C ASN A 423 -20.46 -1.74 -20.96
N LEU A 424 -20.48 -2.33 -19.73
CA LEU A 424 -19.55 -3.36 -19.31
C LEU A 424 -19.87 -4.72 -19.92
N GLY A 425 -21.04 -4.79 -20.58
CA GLY A 425 -21.51 -5.97 -21.29
C GLY A 425 -22.25 -6.95 -20.39
N GLU A 426 -23.01 -6.41 -19.44
CA GLU A 426 -23.92 -7.19 -18.64
C GLU A 426 -25.26 -7.20 -19.38
N LYS A 427 -25.83 -8.40 -19.48
CA LYS A 427 -27.17 -8.64 -19.97
C LYS A 427 -28.02 -8.68 -18.70
N LEU A 428 -28.81 -7.61 -18.51
CA LEU A 428 -29.69 -7.41 -17.36
C LEU A 428 -31.02 -6.87 -17.83
N THR A 429 -32.08 -7.22 -17.09
CA THR A 429 -33.44 -6.77 -17.40
C THR A 429 -33.69 -5.44 -16.69
N ASP A 430 -34.59 -4.62 -17.28
CA ASP A 430 -35.08 -3.34 -16.77
C ASP A 430 -35.74 -3.54 -15.39
N GLU A 431 -35.75 -4.80 -14.91
CA GLU A 431 -36.27 -5.32 -13.65
C GLU A 431 -35.12 -5.70 -12.71
N GLU A 432 -34.02 -6.30 -13.25
CA GLU A 432 -32.80 -6.66 -12.52
C GLU A 432 -32.11 -5.38 -12.06
N VAL A 433 -32.17 -4.34 -12.93
CA VAL A 433 -31.64 -2.98 -12.77
C VAL A 433 -32.27 -2.34 -11.52
N ASP A 434 -33.63 -2.26 -11.48
CA ASP A 434 -34.41 -1.79 -10.35
C ASP A 434 -34.06 -2.61 -9.09
N GLU A 435 -33.95 -3.95 -9.24
CA GLU A 435 -33.65 -4.91 -8.17
C GLU A 435 -32.34 -4.52 -7.47
N MET A 436 -31.33 -4.12 -8.27
CA MET A 436 -30.06 -3.60 -7.76
C MET A 436 -30.20 -2.30 -6.99
N ILE A 437 -31.01 -1.34 -7.49
CA ILE A 437 -31.13 -0.04 -6.82
C ILE A 437 -31.69 -0.27 -5.41
N ARG A 438 -32.76 -1.09 -5.35
CA ARG A 438 -33.48 -1.49 -4.14
C ARG A 438 -32.52 -1.86 -3.01
N GLU A 439 -31.63 -2.87 -3.29
CA GLU A 439 -30.69 -3.45 -2.35
C GLU A 439 -29.86 -2.35 -1.65
N ALA A 440 -29.43 -1.37 -2.46
CA ALA A 440 -28.57 -0.29 -2.01
C ALA A 440 -29.35 0.91 -1.46
N ASP A 441 -30.63 1.02 -1.82
CA ASP A 441 -31.37 2.22 -1.47
C ASP A 441 -31.76 2.23 0.02
N ILE A 442 -31.05 3.05 0.83
CA ILE A 442 -31.32 3.22 2.25
C ILE A 442 -32.67 3.96 2.40
N ASP A 443 -32.74 5.21 1.92
CA ASP A 443 -33.79 6.21 2.11
C ASP A 443 -35.03 6.05 1.19
N GLY A 444 -35.06 5.03 0.32
CA GLY A 444 -36.17 4.68 -0.55
C GLY A 444 -36.50 5.66 -1.68
N ASP A 445 -35.56 6.55 -2.08
CA ASP A 445 -35.84 7.55 -3.12
C ASP A 445 -35.75 7.02 -4.56
N GLY A 446 -35.41 5.72 -4.75
CA GLY A 446 -35.25 5.11 -6.07
C GLY A 446 -33.87 5.41 -6.71
N GLN A 447 -32.95 6.02 -5.93
CA GLN A 447 -31.59 6.35 -6.33
C GLN A 447 -30.56 6.00 -5.24
N VAL A 448 -29.25 6.02 -5.62
CA VAL A 448 -28.12 5.73 -4.75
C VAL A 448 -27.29 7.01 -4.54
N ASN A 449 -27.25 7.47 -3.30
CA ASN A 449 -26.42 8.60 -2.92
C ASN A 449 -25.06 8.08 -2.46
N TYR A 450 -24.22 9.02 -2.04
CA TYR A 450 -22.85 8.77 -1.67
C TYR A 450 -22.74 7.79 -0.51
N GLU A 451 -23.43 8.10 0.61
CA GLU A 451 -23.37 7.32 1.84
C GLU A 451 -23.88 5.93 1.52
N GLU A 452 -24.84 5.84 0.60
CA GLU A 452 -25.42 4.58 0.18
C GLU A 452 -24.44 3.80 -0.70
N PHE A 453 -23.62 4.54 -1.48
CA PHE A 453 -22.60 3.92 -2.31
C PHE A 453 -21.52 3.30 -1.39
N VAL A 454 -21.01 4.11 -0.44
CA VAL A 454 -20.12 3.69 0.64
C VAL A 454 -20.49 2.29 1.16
N GLN A 455 -21.77 2.11 1.52
CA GLN A 455 -22.31 0.86 2.02
C GLN A 455 -22.23 -0.28 1.01
N MET A 456 -22.62 0.02 -0.23
CA MET A 456 -22.71 -0.87 -1.36
C MET A 456 -21.29 -1.37 -1.74
N MET A 457 -20.23 -0.68 -1.30
CA MET A 457 -18.83 -0.94 -1.66
C MET A 457 -18.05 -1.67 -0.55
N THR A 458 -18.66 -1.92 0.63
CA THR A 458 -17.95 -2.54 1.75
C THR A 458 -18.03 -4.06 1.68
C1 EDO B . 3.33 9.68 -2.92
O1 EDO B . 2.07 9.63 -2.23
C2 EDO B . 3.40 8.72 -4.04
O2 EDO B . 2.30 9.13 -4.80
C1 EDO C . 14.76 -14.06 8.17
O1 EDO C . 14.20 -15.28 7.75
C2 EDO C . 13.74 -13.14 8.61
O2 EDO C . 12.82 -14.03 9.20
C1 EDO D . 4.48 11.76 -1.00
O1 EDO D . 5.88 11.63 -1.04
C2 EDO D . 4.00 12.51 -2.19
O2 EDO D . 4.58 12.00 -3.38
C1 EDO E . -5.57 2.23 -3.96
O1 EDO E . -5.90 1.36 -2.96
C2 EDO E . -6.43 3.39 -3.92
O2 EDO E . -7.38 3.17 -4.95
C1 EDO F . -3.17 9.12 -1.89
O1 EDO F . -3.18 10.51 -1.65
C2 EDO F . -4.44 8.75 -1.26
O2 EDO F . -5.43 9.17 -2.15
C1 EDO G . -12.40 4.40 -9.94
O1 EDO G . -11.75 5.45 -9.32
C2 EDO G . -12.04 4.44 -11.37
O2 EDO G . -11.70 5.76 -11.88
CA CA H . -6.39 -12.24 -21.04
CA CA I . 2.72 -9.84 -14.64
CA CA J . -26.56 11.17 -11.39
CA CA K . -31.39 6.51 -1.99
NA NA L . -7.02 19.58 8.08
#